data_6BK3
#
_entry.id   6BK3
#
_cell.length_a   104.504
_cell.length_b   104.504
_cell.length_c   98.261
_cell.angle_alpha   90.00
_cell.angle_beta   90.00
_cell.angle_gamma   120.00
#
_symmetry.space_group_name_H-M   'P 32 2 1'
#
loop_
_entity.id
_entity.type
_entity.pdbx_description
1 polymer 'UDP-glycosyltransferase 79'
2 non-polymer "URIDINE-5'-DIPHOSPHATE"
3 non-polymer (3alpha,7alpha)-3,7,15-trihydroxy-12,13-epoxytrichothec-9-en-8-one
4 water water
#
_entity_poly.entity_id   1
_entity_poly.type   'polypeptide(L)'
_entity_poly.pdbx_seq_one_letter_code
;GMGSMSTPAASANGGQVLLLPFPAAQGHTNPMLQFGRRLAYHGLRPTLVTTRYVLSTTPPPGDPFRVAAISDGFDDASGM
AALPDPGEYLRTLEAHGARTLAELLLSEARAGRPARVLVYDPHLPWARRVARAAGVATAAFLSQPCAVDLIYGEVCARRL
ALPVTPTDARGLYARGVLGVELGPDDVPPFVAAPELTPAFCEQSIEQFAGLEDDDDVLVNSFSDLEPKEAAYMESTWRAK
TIGPSLPSFYLDDGRLRSNTAYGFNLFRSTVPCMEWLDKQPPRSVVLVSYGTVSTFDVAKLEELGNGLCNSGKPFLWVVR
SNEEHKLSVQLRKKCEKRGLIVPFCPQLEVLAHKATGCFLSHCGWNSTLEAIVNGVPLVAMPHWADQPTISKYVESLWGM
GVRVQLDKSGILQREEVERCIREVMDGDRKEDYRRNATRLMKKAKESMQEGGSSDKNIAEFAAKYSN
;
_entity_poly.pdbx_strand_id   A
#
loop_
_chem_comp.id
_chem_comp.type
_chem_comp.name
_chem_comp.formula
B2S non-polymer (3alpha,7alpha)-3,7,15-trihydroxy-12,13-epoxytrichothec-9-en-8-one 'C15 H20 O6'
UDP RNA linking URIDINE-5'-DIPHOSPHATE 'C9 H14 N2 O12 P2'
#
# COMPACT_ATOMS: atom_id res chain seq x y z
N GLN A 16 13.58 22.47 -7.44
CA GLN A 16 13.65 20.98 -7.37
C GLN A 16 13.01 20.33 -6.11
N VAL A 17 12.13 19.35 -6.37
CA VAL A 17 11.62 18.48 -5.32
C VAL A 17 12.26 17.12 -5.47
N LEU A 18 12.86 16.59 -4.43
CA LEU A 18 13.41 15.27 -4.51
C LEU A 18 12.44 14.24 -3.88
N LEU A 19 12.28 13.11 -4.55
CA LEU A 19 11.40 12.00 -4.11
C LEU A 19 12.27 10.75 -3.83
N LEU A 20 12.36 10.38 -2.58
CA LEU A 20 13.11 9.24 -2.12
C LEU A 20 12.22 8.15 -1.45
N PRO A 21 11.58 7.34 -2.30
CA PRO A 21 10.87 6.17 -1.77
C PRO A 21 11.93 5.08 -1.45
N PHE A 22 11.54 4.11 -0.64
CA PHE A 22 12.32 2.92 -0.46
C PHE A 22 12.72 2.34 -1.79
N PRO A 23 14.02 2.05 -2.04
CA PRO A 23 14.42 1.67 -3.42
C PRO A 23 13.90 0.30 -3.91
N ALA A 24 13.51 0.27 -5.18
CA ALA A 24 12.85 -0.86 -5.92
C ALA A 24 12.30 -0.24 -7.24
N THR A 29 6.54 2.79 -4.43
CA THR A 29 7.05 3.76 -5.47
C THR A 29 6.02 4.63 -6.21
N ASN A 30 5.07 3.94 -6.83
CA ASN A 30 3.95 4.56 -7.47
C ASN A 30 3.23 5.64 -6.69
N PRO A 31 2.86 5.43 -5.45
CA PRO A 31 2.15 6.41 -4.71
C PRO A 31 2.98 7.71 -4.60
N MET A 32 4.30 7.59 -4.40
CA MET A 32 5.15 8.80 -4.28
C MET A 32 5.30 9.46 -5.57
N LEU A 33 5.41 8.66 -6.60
CA LEU A 33 5.53 9.24 -7.89
C LEU A 33 4.26 9.91 -8.35
N GLN A 34 3.13 9.37 -7.94
CA GLN A 34 1.85 10.00 -8.31
C GLN A 34 1.70 11.31 -7.63
N PHE A 35 2.18 11.41 -6.39
CA PHE A 35 2.19 12.70 -5.64
C PHE A 35 3.11 13.64 -6.40
N GLY A 36 4.25 13.12 -6.84
CA GLY A 36 5.21 13.90 -7.64
C GLY A 36 4.60 14.46 -8.91
N ARG A 37 3.77 13.65 -9.59
CA ARG A 37 3.09 14.11 -10.79
C ARG A 37 2.20 15.31 -10.53
N ARG A 38 1.54 15.32 -9.38
CA ARG A 38 0.70 16.48 -9.00
C ARG A 38 1.54 17.69 -8.59
N LEU A 39 2.70 17.44 -7.98
CA LEU A 39 3.60 18.53 -7.71
C LEU A 39 4.02 19.20 -9.06
N ALA A 40 4.31 18.41 -10.08
CA ALA A 40 4.67 18.95 -11.36
C ALA A 40 3.52 19.71 -11.98
N TYR A 41 2.29 19.26 -11.75
CA TYR A 41 1.18 19.96 -12.32
C TYR A 41 1.12 21.39 -11.76
N HIS A 42 1.37 21.54 -10.49
CA HIS A 42 1.47 22.83 -9.90
C HIS A 42 2.88 23.47 -10.11
N GLY A 43 3.70 23.02 -11.05
CA GLY A 43 4.91 23.74 -11.40
C GLY A 43 6.16 23.48 -10.61
N LEU A 44 6.22 22.46 -9.75
CA LEU A 44 7.49 22.02 -9.14
C LEU A 44 8.14 21.07 -10.14
N ARG A 45 9.39 20.71 -9.91
CA ARG A 45 10.20 19.97 -10.90
C ARG A 45 10.65 18.77 -10.08
N PRO A 46 10.05 17.59 -10.31
CA PRO A 46 10.37 16.49 -9.45
C PRO A 46 11.50 15.65 -9.97
N THR A 47 12.29 15.22 -9.04
CA THR A 47 13.35 14.24 -9.27
C THR A 47 13.19 13.01 -8.40
N LEU A 48 13.11 11.87 -9.08
CA LEU A 48 13.13 10.59 -8.42
C LEU A 48 14.53 10.17 -8.07
N VAL A 49 14.73 9.88 -6.83
CA VAL A 49 16.02 9.48 -6.34
C VAL A 49 15.93 7.98 -5.98
N THR A 50 16.78 7.17 -6.62
CA THR A 50 16.82 5.74 -6.44
C THR A 50 18.28 5.24 -6.56
N THR A 51 18.52 3.97 -6.29
CA THR A 51 19.85 3.33 -6.49
C THR A 51 20.36 3.25 -7.89
N ARG A 52 21.68 3.09 -7.98
CA ARG A 52 22.33 3.00 -9.31
C ARG A 52 21.94 1.70 -9.97
N TYR A 53 21.77 0.68 -9.15
CA TYR A 53 21.26 -0.59 -9.64
C TYR A 53 19.89 -0.44 -10.35
N VAL A 54 18.86 -0.01 -9.60
CA VAL A 54 17.52 0.17 -10.17
C VAL A 54 17.69 0.96 -11.42
N LEU A 55 18.48 2.00 -11.31
CA LEU A 55 18.58 2.89 -12.42
C LEU A 55 19.26 2.22 -13.61
N SER A 56 20.20 1.31 -13.34
CA SER A 56 20.92 0.59 -14.39
C SER A 56 19.97 -0.32 -15.15
N THR A 57 19.22 -1.10 -14.37
CA THR A 57 18.32 -2.14 -14.87
C THR A 57 16.98 -1.58 -15.43
N THR A 58 16.10 -1.08 -14.55
CA THR A 58 14.77 -0.47 -14.86
C THR A 58 14.73 0.84 -15.65
N PRO A 59 13.75 1.00 -16.59
CA PRO A 59 13.67 2.29 -17.32
C PRO A 59 13.20 3.47 -16.44
N PRO A 60 13.56 4.67 -16.83
CA PRO A 60 13.30 5.78 -15.90
C PRO A 60 11.82 6.17 -16.01
N PRO A 61 11.26 6.89 -15.01
CA PRO A 61 9.85 7.23 -15.12
C PRO A 61 9.52 8.09 -16.28
N GLY A 62 10.43 8.88 -16.81
CA GLY A 62 10.02 9.81 -17.89
C GLY A 62 9.39 11.05 -17.32
N ASP A 63 9.07 11.94 -18.21
CA ASP A 63 8.49 13.18 -17.95
C ASP A 63 7.31 13.03 -16.96
N PRO A 64 7.20 13.88 -15.95
CA PRO A 64 7.97 15.13 -15.77
C PRO A 64 9.20 14.97 -14.86
N PHE A 65 9.61 13.74 -14.65
CA PHE A 65 10.61 13.37 -13.68
C PHE A 65 12.02 13.40 -14.27
N ARG A 66 12.98 13.80 -13.44
CA ARG A 66 14.38 13.55 -13.67
C ARG A 66 14.64 12.47 -12.70
N VAL A 67 15.80 11.86 -12.80
CA VAL A 67 16.21 10.80 -11.90
C VAL A 67 17.57 11.16 -11.44
N ALA A 68 17.92 10.70 -10.27
CA ALA A 68 19.22 10.90 -9.73
C ALA A 68 19.42 9.67 -8.87
N ALA A 69 20.67 9.30 -8.76
CA ALA A 69 21.01 8.01 -8.27
C ALA A 69 21.83 8.12 -7.04
N ILE A 70 21.49 7.39 -6.01
CA ILE A 70 22.39 7.19 -4.92
C ILE A 70 22.86 5.75 -5.01
N SER A 71 23.53 5.26 -3.97
CA SER A 71 24.04 3.89 -3.94
C SER A 71 23.69 3.30 -2.61
N ASP A 72 23.34 2.02 -2.63
CA ASP A 72 23.22 1.20 -1.42
C ASP A 72 24.43 0.26 -1.15
N GLY A 73 25.51 0.36 -1.92
CA GLY A 73 26.68 -0.55 -1.80
C GLY A 73 26.69 -1.61 -2.92
N PHE A 74 25.59 -1.66 -3.68
CA PHE A 74 25.31 -2.76 -4.55
C PHE A 74 24.91 -2.30 -5.98
N ASP A 75 25.81 -1.63 -6.67
CA ASP A 75 25.46 -1.01 -7.97
C ASP A 75 25.27 -1.97 -9.15
N ASP A 76 25.69 -3.21 -9.01
CA ASP A 76 25.62 -4.20 -10.12
C ASP A 76 24.85 -5.48 -9.76
N ALA A 77 24.43 -5.60 -8.51
CA ALA A 77 23.64 -6.72 -8.05
C ALA A 77 22.67 -6.22 -6.98
N SER A 78 21.42 -6.65 -7.06
CA SER A 78 20.49 -6.50 -5.93
C SER A 78 21.11 -6.89 -4.61
N GLY A 79 21.19 -5.93 -3.70
CA GLY A 79 21.70 -6.16 -2.35
C GLY A 79 20.60 -6.61 -1.44
N MET A 80 19.37 -6.52 -1.95
CA MET A 80 18.21 -7.05 -1.25
C MET A 80 18.34 -8.57 -1.23
N ALA A 81 18.57 -9.15 -2.41
CA ALA A 81 19.03 -10.56 -2.57
C ALA A 81 20.35 -10.77 -1.78
N ALA A 82 21.45 -10.18 -2.25
CA ALA A 82 22.75 -10.35 -1.58
C ALA A 82 22.69 -10.23 -0.03
N LEU A 83 21.70 -9.57 0.57
CA LEU A 83 21.63 -9.49 2.04
C LEU A 83 20.25 -9.75 2.67
N PRO A 84 19.69 -10.98 2.47
CA PRO A 84 18.38 -11.39 3.01
C PRO A 84 17.92 -10.81 4.35
N ASP A 85 18.73 -10.84 5.39
CA ASP A 85 18.24 -10.39 6.70
C ASP A 85 17.86 -8.91 6.57
N PRO A 86 16.65 -8.54 7.14
CA PRO A 86 16.16 -7.15 7.31
C PRO A 86 17.21 -6.12 7.85
N GLY A 87 17.59 -6.23 9.13
CA GLY A 87 18.61 -5.37 9.73
C GLY A 87 19.84 -5.13 8.84
N GLU A 88 20.34 -6.19 8.23
CA GLU A 88 21.61 -6.12 7.50
C GLU A 88 21.55 -5.29 6.21
N TYR A 89 20.48 -5.46 5.43
CA TYR A 89 20.42 -4.73 4.16
C TYR A 89 20.35 -3.22 4.38
N LEU A 90 19.61 -2.87 5.43
CA LEU A 90 19.33 -1.51 5.80
C LEU A 90 20.59 -0.77 6.16
N ARG A 91 21.50 -1.48 6.83
CA ARG A 91 22.71 -0.83 7.27
C ARG A 91 23.58 -0.57 6.09
N THR A 92 23.65 -1.45 5.13
CA THR A 92 24.43 -1.12 3.94
C THR A 92 23.90 0.10 3.22
N LEU A 93 22.56 0.10 3.12
CA LEU A 93 21.84 1.11 2.32
C LEU A 93 22.00 2.50 2.96
N GLU A 94 21.75 2.56 4.25
CA GLU A 94 22.08 3.68 5.04
C GLU A 94 23.55 4.19 4.83
N ALA A 95 24.53 3.33 5.15
CA ALA A 95 25.92 3.70 5.08
C ALA A 95 26.27 4.35 3.76
N HIS A 96 26.04 3.65 2.66
CA HIS A 96 26.24 4.22 1.32
C HIS A 96 25.23 5.33 0.83
N GLY A 97 24.00 5.22 1.30
CA GLY A 97 22.93 6.02 0.78
C GLY A 97 23.03 7.41 1.36
N ALA A 98 22.99 7.49 2.69
CA ALA A 98 23.34 8.69 3.44
C ALA A 98 24.55 9.43 2.85
N ARG A 99 25.59 8.74 2.43
CA ARG A 99 26.75 9.41 1.91
C ARG A 99 26.55 9.90 0.50
N THR A 100 25.93 9.11 -0.36
CA THR A 100 25.75 9.51 -1.77
C THR A 100 24.60 10.57 -1.93
N LEU A 101 23.69 10.55 -0.95
CA LEU A 101 22.56 11.47 -0.85
C LEU A 101 23.14 12.85 -0.50
N ALA A 102 23.86 12.91 0.64
CA ALA A 102 24.72 14.09 0.97
C ALA A 102 25.45 14.63 -0.19
N GLU A 103 26.08 13.82 -0.98
CA GLU A 103 26.70 14.31 -2.19
C GLU A 103 25.76 14.80 -3.28
N LEU A 104 24.61 14.13 -3.40
CA LEU A 104 23.62 14.55 -4.37
C LEU A 104 23.15 16.00 -4.03
N LEU A 105 22.85 16.23 -2.78
CA LEU A 105 22.27 17.50 -2.39
C LEU A 105 23.25 18.65 -2.69
N LEU A 106 24.51 18.40 -2.27
CA LEU A 106 25.61 19.34 -2.36
C LEU A 106 25.88 19.52 -3.81
N SER A 107 26.05 18.43 -4.53
CA SER A 107 26.19 18.53 -5.98
C SER A 107 25.11 19.38 -6.62
N GLU A 108 23.86 19.03 -6.37
CA GLU A 108 22.71 19.74 -6.96
C GLU A 108 22.71 21.24 -6.59
N ALA A 109 22.95 21.54 -5.33
CA ALA A 109 23.09 22.93 -4.87
C ALA A 109 24.16 23.67 -5.69
N ARG A 110 25.40 23.14 -5.67
CA ARG A 110 26.48 23.72 -6.47
C ARG A 110 26.02 23.77 -7.90
N ALA A 111 25.32 22.75 -8.40
CA ALA A 111 24.85 22.79 -9.83
C ALA A 111 23.73 23.82 -10.16
N GLY A 112 23.36 24.70 -9.23
CA GLY A 112 22.23 25.59 -9.44
C GLY A 112 20.85 24.97 -9.25
N ARG A 113 20.77 23.71 -8.81
CA ARG A 113 19.49 23.03 -8.65
C ARG A 113 19.25 22.57 -7.22
N PRO A 114 19.28 23.50 -6.28
CA PRO A 114 19.14 23.06 -4.90
C PRO A 114 17.74 22.44 -4.64
N ALA A 115 17.72 21.47 -3.76
CA ALA A 115 16.55 20.81 -3.36
C ALA A 115 15.76 21.69 -2.42
N ARG A 116 14.56 22.10 -2.83
CA ARG A 116 13.70 22.90 -1.97
C ARG A 116 13.13 21.99 -0.88
N VAL A 117 12.91 20.71 -1.17
CA VAL A 117 12.29 19.76 -0.18
C VAL A 117 12.60 18.33 -0.55
N LEU A 118 12.80 17.47 0.44
CA LEU A 118 13.09 16.09 0.19
C LEU A 118 11.83 15.35 0.64
N VAL A 119 11.14 14.66 -0.27
CA VAL A 119 9.98 13.81 0.17
C VAL A 119 10.55 12.41 0.36
N TYR A 120 10.40 11.82 1.52
CA TYR A 120 11.06 10.60 1.76
C TYR A 120 10.22 9.61 2.49
N ASP A 121 10.54 8.37 2.26
CA ASP A 121 9.88 7.31 3.05
C ASP A 121 10.53 7.26 4.42
N PRO A 122 9.80 7.45 5.49
CA PRO A 122 10.37 7.48 6.81
C PRO A 122 10.78 6.10 7.40
N HIS A 123 10.64 5.06 6.59
CA HIS A 123 11.40 3.83 6.78
C HIS A 123 12.87 4.06 6.49
N LEU A 124 13.24 5.27 6.04
CA LEU A 124 14.64 5.62 5.81
C LEU A 124 14.98 6.88 6.61
N PRO A 125 14.93 6.80 7.95
CA PRO A 125 15.08 8.05 8.75
C PRO A 125 16.43 8.81 8.56
N TRP A 126 17.42 8.15 8.02
CA TRP A 126 18.65 8.83 7.68
C TRP A 126 18.57 9.80 6.53
N ALA A 127 17.48 9.70 5.75
CA ALA A 127 17.20 10.67 4.70
C ALA A 127 17.01 11.99 5.37
N ARG A 128 16.25 11.93 6.45
CA ARG A 128 15.89 13.07 7.20
C ARG A 128 17.19 13.79 7.70
N ARG A 129 18.19 13.08 8.19
CA ARG A 129 19.29 13.76 8.87
C ARG A 129 20.14 14.32 7.83
N VAL A 130 20.39 13.56 6.77
CA VAL A 130 21.13 14.11 5.65
C VAL A 130 20.51 15.41 5.13
N ALA A 131 19.18 15.48 4.99
CA ALA A 131 18.57 16.66 4.36
C ALA A 131 18.68 17.85 5.31
N ARG A 132 18.29 17.57 6.54
CA ARG A 132 18.32 18.50 7.62
C ARG A 132 19.75 19.12 7.78
N ALA A 133 20.76 18.28 7.72
CA ALA A 133 22.11 18.76 7.76
C ALA A 133 22.37 19.71 6.59
N ALA A 134 21.83 19.44 5.40
CA ALA A 134 22.12 20.32 4.26
C ALA A 134 21.15 21.48 4.22
N GLY A 135 20.38 21.70 5.28
CA GLY A 135 19.33 22.76 5.19
C GLY A 135 18.12 22.50 4.28
N VAL A 136 17.95 21.24 3.84
CA VAL A 136 16.82 20.88 2.93
C VAL A 136 15.60 20.48 3.74
N ALA A 137 14.50 21.17 3.49
CA ALA A 137 13.19 20.89 4.14
C ALA A 137 12.81 19.43 3.90
N THR A 138 12.15 18.81 4.85
CA THR A 138 11.82 17.39 4.76
C THR A 138 10.34 17.10 4.88
N ALA A 139 9.84 16.18 4.02
CA ALA A 139 8.43 15.89 4.07
C ALA A 139 8.27 14.36 4.13
N ALA A 140 7.81 13.88 5.28
CA ALA A 140 7.73 12.44 5.43
C ALA A 140 6.45 11.96 4.60
N PHE A 141 6.59 10.88 3.87
CA PHE A 141 5.52 10.34 3.05
C PHE A 141 5.13 8.98 3.60
N LEU A 142 4.01 8.92 4.33
CA LEU A 142 3.59 7.64 4.86
C LEU A 142 2.59 6.97 3.91
N SER A 143 2.92 5.82 3.41
CA SER A 143 1.93 5.15 2.59
C SER A 143 1.28 3.94 3.25
N GLN A 144 0.94 4.04 4.50
CA GLN A 144 0.11 3.08 5.15
C GLN A 144 -1.03 3.89 5.72
N PRO A 145 -2.11 3.24 6.07
CA PRO A 145 -3.24 3.97 6.48
C PRO A 145 -3.05 4.62 7.85
N CYS A 146 -3.76 5.70 8.07
CA CYS A 146 -3.76 6.40 9.30
C CYS A 146 -3.96 5.52 10.47
N ALA A 147 -4.82 4.52 10.35
CA ALA A 147 -5.15 3.68 11.53
C ALA A 147 -3.90 2.92 12.03
N VAL A 148 -3.14 2.37 11.10
CA VAL A 148 -1.91 1.70 11.44
C VAL A 148 -0.78 2.71 11.88
N ASP A 149 -0.62 3.78 11.11
CA ASP A 149 0.41 4.76 11.38
C ASP A 149 0.28 5.28 12.83
N LEU A 150 -0.92 5.55 13.27
CA LEU A 150 -1.21 6.12 14.54
C LEU A 150 -0.82 5.15 15.70
N ILE A 151 -0.98 3.87 15.49
CA ILE A 151 -0.67 2.90 16.53
C ILE A 151 0.84 2.86 16.68
N TYR A 152 1.56 2.83 15.58
CA TYR A 152 3.01 2.90 15.64
C TYR A 152 3.48 4.19 16.32
N GLY A 153 2.85 5.29 15.95
CA GLY A 153 3.15 6.56 16.54
C GLY A 153 3.00 6.59 18.06
N GLU A 154 1.94 6.01 18.57
CA GLU A 154 1.63 6.04 19.93
C GLU A 154 2.68 5.23 20.66
N VAL A 155 3.18 4.17 20.03
CA VAL A 155 4.20 3.40 20.64
C VAL A 155 5.49 4.18 20.66
N CYS A 156 5.91 4.73 19.55
CA CYS A 156 7.07 5.61 19.51
C CYS A 156 7.01 6.78 20.50
N ALA A 157 5.86 7.36 20.73
CA ALA A 157 5.75 8.42 21.73
C ALA A 157 5.64 7.91 23.19
N ARG A 158 5.68 6.59 23.39
CA ARG A 158 5.54 5.99 24.74
C ARG A 158 4.22 6.23 25.38
N ARG A 159 3.20 6.55 24.61
CA ARG A 159 1.88 6.55 25.19
C ARG A 159 1.29 5.15 25.15
N LEU A 160 1.97 4.24 24.48
CA LEU A 160 1.57 2.84 24.42
C LEU A 160 2.81 1.99 24.54
N ALA A 161 2.62 0.92 25.30
CA ALA A 161 3.63 -0.04 25.68
C ALA A 161 3.43 -1.31 24.85
N LEU A 162 4.54 -1.71 24.28
CA LEU A 162 4.65 -3.01 23.70
C LEU A 162 4.39 -4.13 24.72
N PRO A 163 3.83 -5.25 24.28
CA PRO A 163 3.06 -5.32 23.04
C PRO A 163 1.71 -4.55 23.07
N VAL A 164 1.24 -4.18 21.87
CA VAL A 164 -0.09 -3.59 21.72
C VAL A 164 -1.15 -4.68 21.73
N THR A 165 -2.15 -4.53 22.56
CA THR A 165 -3.16 -5.53 22.79
C THR A 165 -4.55 -5.04 22.39
N PRO A 166 -5.48 -5.97 22.27
CA PRO A 166 -6.81 -5.54 21.97
C PRO A 166 -7.34 -4.53 23.00
N THR A 167 -6.92 -4.67 24.27
CA THR A 167 -7.31 -3.69 25.30
C THR A 167 -6.78 -2.31 25.01
N ASP A 168 -5.50 -2.21 24.68
CA ASP A 168 -4.91 -0.94 24.25
C ASP A 168 -5.80 -0.34 23.15
N ALA A 169 -6.14 -1.16 22.16
CA ALA A 169 -6.88 -0.68 21.01
C ALA A 169 -8.26 -0.24 21.37
N ARG A 170 -8.88 -0.97 22.30
CA ARG A 170 -10.21 -0.55 22.71
C ARG A 170 -10.18 0.79 23.42
N GLY A 171 -9.07 1.11 24.05
CA GLY A 171 -8.93 2.43 24.71
C GLY A 171 -8.89 3.54 23.64
N LEU A 172 -8.11 3.31 22.58
CA LEU A 172 -8.07 4.30 21.48
C LEU A 172 -9.46 4.50 20.87
N TYR A 173 -10.16 3.39 20.77
CA TYR A 173 -11.52 3.43 20.22
C TYR A 173 -12.42 4.24 21.12
N ALA A 174 -12.44 3.92 22.42
CA ALA A 174 -13.20 4.71 23.43
C ALA A 174 -12.84 6.18 23.39
N ARG A 175 -11.58 6.51 23.23
CA ARG A 175 -11.22 7.88 23.10
C ARG A 175 -11.51 8.57 21.72
N GLY A 176 -12.17 7.90 20.78
CA GLY A 176 -12.52 8.53 19.50
C GLY A 176 -11.35 8.72 18.50
N VAL A 177 -10.22 8.07 18.78
CA VAL A 177 -9.02 8.05 17.93
C VAL A 177 -9.07 6.94 16.81
N LEU A 178 -9.50 5.72 17.18
CA LEU A 178 -9.77 4.65 16.22
C LEU A 178 -11.23 4.49 16.02
N GLY A 179 -11.65 4.35 14.78
CA GLY A 179 -13.04 4.29 14.45
C GLY A 179 -13.60 2.92 14.58
N VAL A 180 -12.77 1.97 14.90
CA VAL A 180 -13.26 0.56 15.03
C VAL A 180 -12.55 -0.16 16.20
N GLU A 181 -13.22 -1.17 16.76
CA GLU A 181 -12.64 -1.95 17.90
C GLU A 181 -11.83 -3.06 17.32
N LEU A 182 -10.55 -3.07 17.59
CA LEU A 182 -9.66 -4.06 17.00
C LEU A 182 -9.49 -5.28 17.93
N GLY A 183 -9.68 -6.48 17.44
CA GLY A 183 -9.37 -7.64 18.24
C GLY A 183 -7.97 -8.12 18.05
N PRO A 184 -7.67 -9.31 18.56
CA PRO A 184 -6.31 -9.87 18.48
C PRO A 184 -5.82 -10.14 17.08
N ASP A 185 -6.69 -10.49 16.14
CA ASP A 185 -6.30 -10.70 14.73
C ASP A 185 -6.38 -9.40 13.87
N ASP A 186 -6.68 -8.28 14.49
CA ASP A 186 -6.83 -6.99 13.83
C ASP A 186 -5.71 -5.98 14.18
N VAL A 187 -5.09 -6.13 15.35
CA VAL A 187 -3.99 -5.25 15.73
C VAL A 187 -2.81 -5.48 14.83
N PRO A 188 -2.03 -4.43 14.50
CA PRO A 188 -0.92 -4.67 13.62
C PRO A 188 0.10 -5.59 14.24
N PRO A 189 0.35 -6.74 13.63
CA PRO A 189 1.28 -7.74 14.28
C PRO A 189 2.72 -7.25 14.60
N PHE A 190 3.33 -6.39 13.77
CA PHE A 190 4.64 -5.85 14.06
C PHE A 190 4.75 -5.24 15.50
N VAL A 191 3.65 -4.82 16.07
CA VAL A 191 3.66 -4.37 17.43
C VAL A 191 2.76 -5.17 18.37
N ALA A 192 1.86 -6.00 17.82
CA ALA A 192 1.07 -6.89 18.66
C ALA A 192 1.83 -8.15 19.06
N ALA A 193 2.74 -8.54 18.20
CA ALA A 193 3.68 -9.65 18.40
C ALA A 193 5.10 -9.26 17.92
N PRO A 194 5.71 -8.26 18.54
CA PRO A 194 7.04 -7.70 18.22
C PRO A 194 8.18 -8.74 18.04
N GLU A 195 8.15 -9.73 18.93
CA GLU A 195 9.14 -10.81 18.96
C GLU A 195 9.12 -11.61 17.67
N LEU A 196 7.94 -11.82 17.10
CA LEU A 196 7.87 -12.45 15.79
C LEU A 196 8.67 -11.71 14.70
N THR A 197 8.93 -10.39 14.84
CA THR A 197 9.58 -9.61 13.74
C THR A 197 10.25 -8.35 14.24
N PRO A 198 11.31 -8.48 15.08
CA PRO A 198 11.85 -7.31 15.80
C PRO A 198 12.41 -6.18 14.93
N ALA A 199 13.03 -6.49 13.80
CA ALA A 199 13.54 -5.41 12.98
C ALA A 199 12.40 -4.53 12.38
N PHE A 200 11.31 -5.16 11.93
CA PHE A 200 10.18 -4.43 11.30
C PHE A 200 9.41 -3.74 12.40
N CYS A 201 9.42 -4.36 13.57
CA CYS A 201 8.81 -3.74 14.71
C CYS A 201 9.50 -2.41 14.99
N GLU A 202 10.81 -2.50 15.16
CA GLU A 202 11.61 -1.31 15.47
C GLU A 202 11.45 -0.23 14.41
N GLN A 203 11.63 -0.62 13.16
CA GLN A 203 11.53 0.28 12.02
C GLN A 203 10.16 0.98 11.89
N SER A 204 9.10 0.21 12.10
CA SER A 204 7.74 0.77 12.13
C SER A 204 7.60 1.91 13.16
N ILE A 205 8.14 1.68 14.34
CA ILE A 205 8.04 2.63 15.45
C ILE A 205 8.95 3.83 15.17
N GLU A 206 10.14 3.58 14.64
CA GLU A 206 11.16 4.62 14.44
C GLU A 206 10.84 5.62 13.35
N GLN A 207 9.87 5.27 12.52
CA GLN A 207 9.42 6.20 11.53
C GLN A 207 9.03 7.47 12.21
N PHE A 208 8.59 7.36 13.43
CA PHE A 208 8.04 8.47 14.12
C PHE A 208 9.00 9.19 15.04
N ALA A 209 10.22 8.66 15.20
CA ALA A 209 11.21 9.34 16.03
C ALA A 209 11.82 10.44 15.18
N GLY A 210 11.62 11.70 15.53
CA GLY A 210 12.16 12.76 14.69
C GLY A 210 11.23 13.25 13.59
N LEU A 211 10.01 12.76 13.61
CA LEU A 211 9.00 13.19 12.67
C LEU A 211 8.33 14.50 13.13
N GLU A 212 8.21 14.72 14.43
CA GLU A 212 7.95 16.09 14.93
C GLU A 212 8.90 17.22 14.40
N ASP A 213 10.07 16.89 13.88
CA ASP A 213 10.96 17.84 13.24
C ASP A 213 10.79 18.01 11.76
N ASP A 214 9.85 17.30 11.14
CA ASP A 214 9.76 17.43 9.69
C ASP A 214 8.95 18.69 9.38
N ASP A 215 9.27 19.37 8.34
CA ASP A 215 8.47 20.47 7.95
C ASP A 215 7.04 20.09 7.53
N ASP A 216 6.93 18.91 6.91
CA ASP A 216 5.65 18.28 6.49
C ASP A 216 5.61 16.78 6.73
N VAL A 217 4.39 16.30 6.98
CA VAL A 217 4.07 14.90 7.09
C VAL A 217 2.82 14.67 6.21
N LEU A 218 2.90 13.70 5.33
CA LEU A 218 1.94 13.41 4.28
C LEU A 218 1.52 11.93 4.39
N VAL A 219 0.22 11.68 4.24
CA VAL A 219 -0.24 10.31 4.30
C VAL A 219 -1.10 9.96 3.07
N ASN A 220 -0.85 8.80 2.49
CA ASN A 220 -1.58 8.38 1.32
C ASN A 220 -2.88 7.73 1.78
N SER A 221 -3.79 8.58 2.18
CA SER A 221 -5.17 8.22 2.45
C SER A 221 -6.04 9.42 2.16
N PHE A 222 -7.29 9.35 2.55
CA PHE A 222 -8.21 10.47 2.50
C PHE A 222 -9.06 10.50 3.72
N SER A 223 -9.48 11.69 4.12
CA SER A 223 -10.06 11.84 5.41
C SER A 223 -11.45 11.25 5.54
N ASP A 224 -12.24 11.22 4.47
CA ASP A 224 -13.57 10.56 4.49
C ASP A 224 -13.42 9.07 4.69
N LEU A 225 -12.29 8.51 4.32
CA LEU A 225 -12.04 7.11 4.57
C LEU A 225 -11.82 6.71 6.04
N GLU A 226 -11.05 7.52 6.73
CA GLU A 226 -10.61 7.26 8.08
C GLU A 226 -10.72 8.52 8.90
N PRO A 227 -11.93 9.00 9.17
CA PRO A 227 -12.02 10.34 9.64
C PRO A 227 -11.43 10.56 11.05
N LYS A 228 -11.71 9.66 11.96
CA LYS A 228 -11.11 9.83 13.31
C LYS A 228 -9.61 9.70 13.29
N GLU A 229 -9.15 8.74 12.50
CA GLU A 229 -7.73 8.40 12.46
C GLU A 229 -6.94 9.50 11.77
N ALA A 230 -7.48 10.05 10.68
CA ALA A 230 -6.84 11.13 9.92
C ALA A 230 -6.87 12.45 10.73
N ALA A 231 -7.97 12.69 11.46
CA ALA A 231 -8.03 13.88 12.37
C ALA A 231 -6.99 13.76 13.47
N TYR A 232 -6.86 12.60 14.09
CA TYR A 232 -5.85 12.42 15.11
C TYR A 232 -4.42 12.51 14.56
N MET A 233 -4.18 12.00 13.38
CA MET A 233 -2.88 12.08 12.77
C MET A 233 -2.56 13.52 12.43
N GLU A 234 -3.57 14.27 12.05
CA GLU A 234 -3.33 15.68 11.71
C GLU A 234 -3.04 16.48 12.97
N SER A 235 -3.86 16.32 13.99
CA SER A 235 -3.60 17.12 15.21
C SER A 235 -2.34 16.65 15.95
N THR A 236 -1.99 15.36 15.92
CA THR A 236 -0.85 14.87 16.63
C THR A 236 0.48 14.96 15.85
N TRP A 237 0.47 14.73 14.55
CA TRP A 237 1.71 14.78 13.79
C TRP A 237 1.70 15.80 12.65
N ARG A 238 0.65 16.63 12.54
CA ARG A 238 0.44 17.51 11.40
C ARG A 238 0.36 16.71 10.08
N ALA A 239 0.01 15.43 10.11
CA ALA A 239 -0.10 14.65 8.86
C ALA A 239 -1.20 15.15 7.99
N LYS A 240 -0.95 15.36 6.72
CA LYS A 240 -1.97 15.80 5.77
C LYS A 240 -2.31 14.66 4.79
N THR A 241 -3.60 14.39 4.56
CA THR A 241 -3.97 13.34 3.63
C THR A 241 -3.81 13.83 2.19
N ILE A 242 -3.06 13.08 1.40
CA ILE A 242 -2.79 13.41 0.01
C ILE A 242 -3.22 12.36 -1.01
N GLY A 243 -4.13 11.46 -0.58
CA GLY A 243 -4.55 10.32 -1.36
C GLY A 243 -6.02 10.19 -1.70
N PRO A 244 -6.39 9.14 -2.48
CA PRO A 244 -5.52 8.06 -2.85
C PRO A 244 -4.56 8.44 -3.90
N SER A 245 -3.29 8.13 -3.71
CA SER A 245 -2.31 8.63 -4.66
C SER A 245 -2.14 7.72 -5.81
N LEU A 246 -3.08 7.80 -6.76
CA LEU A 246 -3.14 6.92 -7.94
C LEU A 246 -3.22 7.73 -9.18
N PRO A 247 -3.08 7.07 -10.36
CA PRO A 247 -3.17 7.83 -11.59
C PRO A 247 -4.53 8.57 -11.73
N SER A 248 -4.42 9.82 -12.16
CA SER A 248 -5.51 10.71 -12.34
C SER A 248 -6.68 10.11 -13.10
N PHE A 249 -6.41 9.38 -14.17
CA PHE A 249 -7.44 8.75 -14.99
C PHE A 249 -8.40 7.99 -14.10
N TYR A 250 -7.89 7.19 -13.17
CA TYR A 250 -8.78 6.32 -12.39
C TYR A 250 -9.50 7.04 -11.37
N LEU A 251 -9.10 8.29 -11.14
CA LEU A 251 -9.88 9.11 -10.18
C LEU A 251 -10.84 10.06 -10.86
N ASP A 252 -11.04 9.84 -12.17
CA ASP A 252 -11.88 10.68 -13.02
C ASP A 252 -11.40 12.11 -12.98
N ASP A 253 -10.11 12.32 -12.89
CA ASP A 253 -9.58 13.66 -12.78
C ASP A 253 -8.85 13.88 -14.09
N GLY A 254 -9.38 14.77 -14.91
CA GLY A 254 -8.79 15.09 -16.20
C GLY A 254 -7.68 16.13 -16.26
N ARG A 255 -7.27 16.76 -15.15
CA ARG A 255 -6.26 17.78 -15.27
C ARG A 255 -4.91 17.25 -15.77
N LEU A 256 -4.59 15.98 -15.56
CA LEU A 256 -3.45 15.31 -16.23
C LEU A 256 -4.04 14.14 -17.07
N VAL A 271 -3.55 -7.20 -24.41
CA VAL A 271 -3.10 -8.18 -23.41
C VAL A 271 -4.17 -9.27 -23.18
N PRO A 272 -3.72 -10.54 -23.11
CA PRO A 272 -4.67 -11.66 -23.14
C PRO A 272 -5.76 -11.58 -22.08
N CYS A 273 -5.43 -11.15 -20.86
CA CYS A 273 -6.47 -11.20 -19.79
C CYS A 273 -7.57 -10.18 -20.02
N MET A 274 -7.23 -9.11 -20.72
CA MET A 274 -8.20 -8.06 -20.98
C MET A 274 -9.15 -8.47 -22.06
N GLU A 275 -8.63 -9.17 -23.05
CA GLU A 275 -9.50 -9.78 -24.08
C GLU A 275 -10.39 -10.82 -23.45
N TRP A 276 -9.89 -11.50 -22.43
CA TRP A 276 -10.70 -12.51 -21.71
C TRP A 276 -11.74 -11.85 -20.88
N LEU A 277 -11.36 -10.78 -20.19
CA LEU A 277 -12.36 -10.03 -19.40
C LEU A 277 -13.49 -9.45 -20.21
N ASP A 278 -13.14 -8.95 -21.37
CA ASP A 278 -14.15 -8.41 -22.29
C ASP A 278 -15.23 -9.41 -22.62
N LYS A 279 -15.01 -10.70 -22.49
CA LYS A 279 -16.05 -11.63 -22.88
C LYS A 279 -16.93 -12.03 -21.72
N GLN A 280 -16.58 -11.55 -20.52
CA GLN A 280 -17.22 -12.01 -19.32
C GLN A 280 -18.43 -11.21 -19.05
N PRO A 281 -19.33 -11.75 -18.26
CA PRO A 281 -20.45 -10.94 -17.94
C PRO A 281 -20.09 -9.82 -16.93
N PRO A 282 -20.96 -8.81 -16.82
CA PRO A 282 -20.74 -7.64 -16.01
C PRO A 282 -20.72 -7.99 -14.57
N ARG A 283 -19.75 -7.45 -13.84
CA ARG A 283 -19.71 -7.68 -12.41
C ARG A 283 -19.66 -9.14 -11.96
N SER A 284 -19.03 -9.99 -12.76
CA SER A 284 -19.01 -11.44 -12.55
C SER A 284 -17.67 -12.01 -12.11
N VAL A 285 -16.57 -11.36 -12.43
CA VAL A 285 -15.26 -11.98 -12.22
C VAL A 285 -14.69 -11.73 -10.81
N VAL A 286 -14.06 -12.76 -10.26
CA VAL A 286 -13.33 -12.69 -8.99
C VAL A 286 -11.89 -12.52 -9.44
N LEU A 287 -11.34 -11.34 -9.23
CA LEU A 287 -9.88 -11.17 -9.31
C LEU A 287 -9.23 -11.69 -8.06
N VAL A 288 -8.16 -12.48 -8.25
CA VAL A 288 -7.48 -13.13 -7.15
C VAL A 288 -5.94 -12.89 -7.21
N SER A 289 -5.38 -12.24 -6.18
CA SER A 289 -3.88 -12.10 -5.91
C SER A 289 -3.60 -12.43 -4.46
N TYR A 290 -3.18 -13.68 -4.16
CA TYR A 290 -2.89 -14.11 -2.80
C TYR A 290 -1.57 -13.48 -2.31
N GLY A 291 -0.66 -13.22 -3.28
CA GLY A 291 0.75 -12.90 -3.00
C GLY A 291 1.70 -14.11 -2.94
N THR A 292 2.95 -13.85 -2.53
CA THR A 292 4.05 -14.85 -2.49
C THR A 292 3.82 -15.96 -1.46
N VAL A 293 4.05 -17.20 -1.90
CA VAL A 293 3.80 -18.36 -1.10
C VAL A 293 5.15 -19.03 -1.03
N SER A 294 5.52 -19.44 0.18
CA SER A 294 6.68 -20.31 0.39
C SER A 294 6.41 -21.78 0.01
N THR A 295 7.46 -22.50 -0.36
CA THR A 295 7.39 -23.97 -0.53
C THR A 295 6.77 -24.68 0.67
N PHE A 296 7.05 -24.19 1.87
CA PHE A 296 6.47 -24.74 3.09
C PHE A 296 4.93 -24.83 3.00
N ASP A 297 4.33 -24.09 2.08
CA ASP A 297 2.90 -24.16 1.80
C ASP A 297 2.51 -23.82 0.34
N VAL A 298 2.19 -24.86 -0.39
CA VAL A 298 1.58 -24.75 -1.68
C VAL A 298 0.34 -25.67 -1.60
N ALA A 299 0.23 -26.33 -0.46
CA ALA A 299 -1.06 -26.77 -0.03
C ALA A 299 -2.04 -25.54 -0.04
N LYS A 300 -1.57 -24.33 0.34
CA LYS A 300 -2.43 -23.14 0.46
C LYS A 300 -3.08 -22.79 -0.88
N LEU A 301 -2.26 -22.74 -1.89
CA LEU A 301 -2.69 -22.53 -3.22
C LEU A 301 -3.65 -23.57 -3.76
N GLU A 302 -3.54 -24.82 -3.30
CA GLU A 302 -4.46 -25.84 -3.74
C GLU A 302 -5.79 -25.53 -3.06
N GLU A 303 -5.78 -25.19 -1.78
CA GLU A 303 -7.05 -24.79 -1.16
C GLU A 303 -7.69 -23.61 -1.81
N LEU A 304 -6.87 -22.63 -2.16
CA LEU A 304 -7.39 -21.42 -2.74
C LEU A 304 -8.02 -21.72 -4.11
N GLY A 305 -7.25 -22.37 -4.97
CA GLY A 305 -7.73 -22.69 -6.29
C GLY A 305 -8.98 -23.59 -6.30
N ASN A 306 -9.05 -24.58 -5.40
CA ASN A 306 -10.28 -25.39 -5.38
C ASN A 306 -11.52 -24.63 -4.93
N GLY A 307 -11.30 -23.72 -3.98
CA GLY A 307 -12.34 -22.79 -3.53
C GLY A 307 -12.88 -21.90 -4.62
N LEU A 308 -11.97 -21.39 -5.44
CA LEU A 308 -12.34 -20.62 -6.58
C LEU A 308 -13.26 -21.47 -7.55
N CYS A 309 -12.78 -22.65 -7.92
CA CYS A 309 -13.51 -23.57 -8.82
C CYS A 309 -14.88 -23.89 -8.21
N ASN A 310 -14.92 -24.19 -6.92
CA ASN A 310 -16.16 -24.56 -6.29
C ASN A 310 -17.17 -23.41 -6.15
N SER A 311 -16.70 -22.16 -6.11
CA SER A 311 -17.58 -21.01 -6.08
C SER A 311 -18.43 -20.98 -7.35
N GLY A 312 -17.94 -21.55 -8.43
CA GLY A 312 -18.66 -21.46 -9.64
C GLY A 312 -18.54 -20.13 -10.34
N LYS A 313 -17.70 -19.18 -9.87
CA LYS A 313 -17.63 -17.89 -10.55
C LYS A 313 -16.48 -17.89 -11.52
N PRO A 314 -16.56 -17.12 -12.58
CA PRO A 314 -15.40 -16.83 -13.44
C PRO A 314 -14.34 -16.09 -12.59
N PHE A 315 -13.08 -16.36 -12.81
CA PHE A 315 -12.01 -15.87 -11.99
C PHE A 315 -10.76 -15.69 -12.79
N LEU A 316 -10.05 -14.63 -12.43
CA LEU A 316 -8.76 -14.27 -13.00
C LEU A 316 -7.73 -14.33 -11.86
N TRP A 317 -6.85 -15.31 -11.91
CA TRP A 317 -6.03 -15.70 -10.77
C TRP A 317 -4.58 -15.42 -11.18
N VAL A 318 -3.96 -14.53 -10.44
CA VAL A 318 -2.57 -14.16 -10.65
C VAL A 318 -1.69 -15.09 -9.81
N VAL A 319 -0.99 -15.97 -10.47
CA VAL A 319 -0.04 -16.85 -9.83
C VAL A 319 1.24 -16.77 -10.63
N ARG A 320 2.34 -16.45 -9.97
CA ARG A 320 3.62 -16.34 -10.74
C ARG A 320 3.99 -17.70 -11.27
N SER A 321 4.64 -17.69 -12.43
CA SER A 321 4.89 -18.87 -13.23
C SER A 321 5.52 -20.08 -12.48
N ASN A 322 6.58 -19.85 -11.70
CA ASN A 322 7.14 -20.93 -10.80
C ASN A 322 6.07 -21.68 -9.99
N GLU A 323 5.29 -20.87 -9.27
CA GLU A 323 4.29 -21.35 -8.36
C GLU A 323 3.22 -22.06 -9.18
N GLU A 324 2.94 -21.62 -10.41
CA GLU A 324 1.87 -22.26 -11.20
C GLU A 324 2.30 -23.68 -11.54
N HIS A 325 3.59 -23.84 -11.81
CA HIS A 325 4.07 -25.15 -12.25
C HIS A 325 3.93 -26.15 -11.11
N LYS A 326 3.96 -25.68 -9.84
CA LYS A 326 3.65 -26.44 -8.62
C LYS A 326 2.16 -26.83 -8.33
N LEU A 327 1.19 -26.11 -8.87
CA LEU A 327 -0.18 -26.61 -8.85
C LEU A 327 -0.41 -28.01 -9.47
N SER A 328 -1.32 -28.77 -8.87
CA SER A 328 -1.67 -30.10 -9.39
C SER A 328 -2.26 -30.02 -10.79
N VAL A 329 -2.03 -31.07 -11.55
CA VAL A 329 -2.54 -31.22 -12.89
C VAL A 329 -4.02 -31.17 -12.81
N GLN A 330 -4.56 -31.84 -11.80
CA GLN A 330 -6.01 -31.84 -11.70
C GLN A 330 -6.65 -30.46 -11.34
N LEU A 331 -5.96 -29.65 -10.54
CA LEU A 331 -6.47 -28.30 -10.22
C LEU A 331 -6.43 -27.41 -11.49
N ARG A 332 -5.31 -27.43 -12.22
CA ARG A 332 -5.20 -26.75 -13.52
C ARG A 332 -6.29 -27.14 -14.49
N LYS A 333 -6.67 -28.39 -14.57
CA LYS A 333 -7.77 -28.76 -15.48
C LYS A 333 -9.09 -28.21 -14.98
N LYS A 334 -9.30 -28.28 -13.68
CA LYS A 334 -10.53 -27.74 -13.09
C LYS A 334 -10.71 -26.26 -13.34
N CYS A 335 -9.56 -25.54 -13.38
CA CYS A 335 -9.51 -24.07 -13.52
C CYS A 335 -9.81 -23.64 -14.98
N GLU A 336 -9.64 -24.57 -15.91
CA GLU A 336 -9.83 -24.29 -17.33
C GLU A 336 -11.27 -24.00 -17.58
N LYS A 337 -12.16 -24.57 -16.80
CA LYS A 337 -13.50 -24.37 -17.09
C LYS A 337 -13.90 -22.90 -16.99
N ARG A 338 -13.55 -22.22 -15.86
CA ARG A 338 -14.07 -20.82 -15.60
C ARG A 338 -12.99 -19.82 -15.31
N GLY A 339 -11.73 -20.26 -15.22
CA GLY A 339 -10.68 -19.42 -14.81
C GLY A 339 -9.61 -19.12 -15.81
N LEU A 340 -8.85 -18.08 -15.53
CA LEU A 340 -7.67 -17.80 -16.30
C LEU A 340 -6.58 -17.53 -15.27
N ILE A 341 -5.49 -18.27 -15.39
CA ILE A 341 -4.35 -18.12 -14.56
C ILE A 341 -3.29 -17.36 -15.36
N VAL A 342 -2.73 -16.30 -14.74
CA VAL A 342 -1.74 -15.47 -15.40
C VAL A 342 -0.68 -15.05 -14.43
N PRO A 343 0.55 -14.83 -14.94
CA PRO A 343 1.73 -14.47 -14.10
C PRO A 343 1.65 -13.07 -13.51
N PHE A 344 0.92 -12.15 -14.15
CA PHE A 344 0.77 -10.76 -13.73
C PHE A 344 -0.45 -10.23 -14.47
N CYS A 345 -0.98 -9.12 -14.00
CA CYS A 345 -2.01 -8.46 -14.74
C CYS A 345 -1.88 -6.97 -14.46
N PRO A 346 -2.47 -6.14 -15.31
CA PRO A 346 -2.59 -4.71 -15.13
C PRO A 346 -3.71 -4.45 -14.11
N GLN A 347 -3.35 -4.57 -12.86
CA GLN A 347 -4.31 -4.73 -11.80
C GLN A 347 -5.34 -3.60 -11.80
N LEU A 348 -4.87 -2.38 -11.97
CA LEU A 348 -5.72 -1.22 -11.89
C LEU A 348 -6.73 -1.25 -13.03
N GLU A 349 -6.25 -1.62 -14.21
CA GLU A 349 -7.08 -1.79 -15.37
C GLU A 349 -8.10 -2.94 -15.21
N VAL A 350 -7.65 -4.07 -14.64
CA VAL A 350 -8.60 -5.14 -14.29
C VAL A 350 -9.66 -4.63 -13.33
N LEU A 351 -9.26 -3.95 -12.26
CA LEU A 351 -10.23 -3.44 -11.30
C LEU A 351 -11.22 -2.43 -11.84
N ALA A 352 -10.81 -1.68 -12.86
CA ALA A 352 -11.74 -0.73 -13.49
C ALA A 352 -12.63 -1.44 -14.56
N HIS A 353 -12.36 -2.67 -14.93
CA HIS A 353 -13.11 -3.27 -16.04
C HIS A 353 -14.51 -3.57 -15.59
N LYS A 354 -15.53 -3.38 -16.43
CA LYS A 354 -16.92 -3.70 -15.99
C LYS A 354 -17.21 -5.18 -15.69
N ALA A 355 -16.40 -6.11 -16.15
CA ALA A 355 -16.57 -7.56 -15.84
C ALA A 355 -16.22 -7.94 -14.36
N THR A 356 -15.50 -7.03 -13.67
CA THR A 356 -14.87 -7.41 -12.40
C THR A 356 -15.87 -7.29 -11.33
N GLY A 357 -16.08 -8.32 -10.54
CA GLY A 357 -17.15 -8.30 -9.50
C GLY A 357 -16.64 -8.25 -8.09
N CYS A 358 -15.49 -8.85 -7.83
CA CYS A 358 -14.85 -8.68 -6.52
C CYS A 358 -13.39 -9.05 -6.56
N PHE A 359 -12.67 -8.72 -5.50
CA PHE A 359 -11.21 -8.81 -5.50
C PHE A 359 -10.95 -9.55 -4.22
N LEU A 360 -10.40 -10.75 -4.40
CA LEU A 360 -9.82 -11.55 -3.32
C LEU A 360 -8.33 -11.13 -3.24
N SER A 361 -8.00 -10.41 -2.20
CA SER A 361 -6.74 -9.72 -2.06
C SER A 361 -6.13 -9.94 -0.67
N HIS A 362 -4.84 -9.88 -0.59
CA HIS A 362 -4.19 -9.82 0.74
C HIS A 362 -4.35 -8.47 1.41
N CYS A 363 -4.93 -7.50 0.74
CA CYS A 363 -5.28 -6.27 1.42
C CYS A 363 -4.04 -5.48 1.88
N GLY A 364 -3.00 -5.52 1.06
CA GLY A 364 -1.98 -4.48 1.04
C GLY A 364 -2.68 -3.13 0.79
N TRP A 365 -2.00 -2.03 1.17
CA TRP A 365 -2.71 -0.82 1.20
C TRP A 365 -2.94 -0.30 -0.20
N ASN A 366 -1.95 -0.38 -1.02
CA ASN A 366 -2.11 0.12 -2.37
C ASN A 366 -3.24 -0.64 -3.08
N SER A 367 -3.20 -1.95 -3.03
CA SER A 367 -4.24 -2.80 -3.58
C SER A 367 -5.65 -2.39 -3.10
N THR A 368 -5.75 -2.15 -1.81
CA THR A 368 -7.01 -1.79 -1.22
C THR A 368 -7.55 -0.46 -1.73
N LEU A 369 -6.66 0.55 -1.84
CA LEU A 369 -7.05 1.85 -2.39
C LEU A 369 -7.44 1.68 -3.85
N GLU A 370 -6.76 0.82 -4.60
CA GLU A 370 -7.17 0.54 -5.97
C GLU A 370 -8.55 -0.04 -6.09
N ALA A 371 -8.90 -0.87 -5.10
CA ALA A 371 -10.23 -1.46 -5.10
C ALA A 371 -11.25 -0.38 -4.75
N ILE A 372 -10.98 0.39 -3.71
CA ILE A 372 -11.84 1.50 -3.37
C ILE A 372 -12.14 2.43 -4.52
N VAL A 373 -11.11 2.83 -5.21
CA VAL A 373 -11.29 3.84 -6.22
C VAL A 373 -12.09 3.32 -7.38
N ASN A 374 -12.14 2.00 -7.52
CA ASN A 374 -12.93 1.42 -8.60
C ASN A 374 -14.26 0.84 -8.06
N GLY A 375 -14.53 0.96 -6.81
CA GLY A 375 -15.76 0.47 -6.34
C GLY A 375 -15.93 -1.04 -6.37
N VAL A 376 -14.84 -1.77 -6.12
CA VAL A 376 -14.86 -3.25 -6.08
C VAL A 376 -14.88 -3.87 -4.70
N PRO A 377 -15.93 -4.64 -4.38
CA PRO A 377 -15.95 -5.30 -3.08
C PRO A 377 -14.77 -6.25 -2.89
N LEU A 378 -14.40 -6.43 -1.64
CA LEU A 378 -13.22 -7.19 -1.30
C LEU A 378 -13.52 -8.47 -0.51
N VAL A 379 -12.73 -9.48 -0.83
CA VAL A 379 -12.58 -10.60 0.09
C VAL A 379 -11.15 -10.56 0.53
N ALA A 380 -11.00 -10.33 1.80
CA ALA A 380 -9.67 -10.04 2.36
C ALA A 380 -8.98 -11.23 2.97
N MET A 381 -7.77 -11.49 2.49
CA MET A 381 -6.95 -12.55 3.04
C MET A 381 -5.65 -11.98 3.58
N PRO A 382 -5.70 -11.32 4.70
CA PRO A 382 -4.48 -10.63 5.15
C PRO A 382 -3.36 -11.58 5.55
N HIS A 383 -2.14 -11.18 5.27
CA HIS A 383 -1.02 -11.96 5.78
C HIS A 383 -0.27 -11.22 6.90
N TRP A 384 0.16 -9.98 6.68
CA TRP A 384 1.10 -9.34 7.61
C TRP A 384 1.09 -7.80 7.48
N ALA A 385 1.95 -7.17 8.28
CA ALA A 385 2.25 -5.80 8.17
C ALA A 385 0.94 -4.96 8.36
N ASP A 386 0.46 -4.22 7.34
CA ASP A 386 -0.77 -3.48 7.55
C ASP A 386 -2.07 -4.29 7.27
N GLN A 387 -1.94 -5.50 6.73
CA GLN A 387 -3.08 -6.20 6.13
C GLN A 387 -4.16 -6.59 7.14
N PRO A 388 -3.76 -7.02 8.35
CA PRO A 388 -4.82 -7.44 9.27
C PRO A 388 -5.71 -6.30 9.64
N THR A 389 -5.11 -5.13 9.88
CA THR A 389 -5.85 -3.98 10.29
C THR A 389 -6.68 -3.44 9.15
N ILE A 390 -6.09 -3.33 7.99
CA ILE A 390 -6.91 -2.93 6.84
C ILE A 390 -8.10 -3.86 6.65
N SER A 391 -7.89 -5.16 6.82
CA SER A 391 -9.00 -6.13 6.62
C SER A 391 -10.12 -5.92 7.62
N LYS A 392 -9.76 -5.62 8.86
CA LYS A 392 -10.79 -5.29 9.83
C LYS A 392 -11.59 -4.05 9.40
N TYR A 393 -10.87 -3.00 8.94
CA TYR A 393 -11.57 -1.83 8.43
C TYR A 393 -12.50 -2.24 7.29
N VAL A 394 -11.99 -3.03 6.36
CA VAL A 394 -12.79 -3.39 5.21
C VAL A 394 -14.12 -4.05 5.64
N GLU A 395 -14.05 -4.88 6.63
CA GLU A 395 -15.22 -5.65 7.08
C GLU A 395 -16.13 -4.85 7.96
N SER A 396 -15.56 -4.11 8.91
CA SER A 396 -16.33 -3.56 10.01
C SER A 396 -16.58 -2.07 10.05
N LEU A 397 -15.87 -1.28 9.28
CA LEU A 397 -16.19 0.17 9.20
C LEU A 397 -16.61 0.44 7.78
N TRP A 398 -15.86 0.02 6.77
CA TRP A 398 -16.22 0.36 5.41
C TRP A 398 -17.33 -0.51 4.87
N GLY A 399 -17.47 -1.70 5.40
CA GLY A 399 -18.52 -2.60 4.97
C GLY A 399 -18.46 -2.95 3.51
N MET A 400 -17.26 -3.02 2.95
CA MET A 400 -17.11 -3.27 1.55
C MET A 400 -16.65 -4.68 1.21
N GLY A 401 -16.65 -5.54 2.18
CA GLY A 401 -16.45 -6.94 1.91
C GLY A 401 -16.33 -7.72 3.19
N VAL A 402 -15.70 -8.89 3.10
CA VAL A 402 -15.53 -9.71 4.29
C VAL A 402 -14.10 -10.23 4.31
N ARG A 403 -13.66 -10.63 5.47
CA ARG A 403 -12.40 -11.19 5.68
C ARG A 403 -12.50 -12.74 5.85
N VAL A 404 -11.61 -13.50 5.22
CA VAL A 404 -11.67 -14.93 5.37
C VAL A 404 -11.32 -15.35 6.79
N GLN A 405 -11.99 -16.36 7.28
CA GLN A 405 -11.72 -16.88 8.64
C GLN A 405 -10.78 -18.09 8.54
N LEU A 406 -9.68 -18.05 9.28
CA LEU A 406 -8.74 -19.17 9.28
C LEU A 406 -9.18 -20.20 10.29
N ASP A 407 -8.82 -21.46 10.12
CA ASP A 407 -9.07 -22.46 11.18
C ASP A 407 -8.05 -22.35 12.34
N LYS A 408 -8.17 -23.21 13.34
CA LYS A 408 -7.28 -23.21 14.54
C LYS A 408 -5.79 -23.22 14.16
N SER A 409 -5.46 -23.88 13.04
CA SER A 409 -4.09 -23.98 12.65
C SER A 409 -3.73 -22.87 11.70
N GLY A 410 -4.55 -21.85 11.54
CA GLY A 410 -4.17 -20.79 10.63
C GLY A 410 -4.34 -21.11 9.18
N ILE A 411 -5.05 -22.16 8.83
CA ILE A 411 -5.16 -22.52 7.41
C ILE A 411 -6.42 -22.01 6.80
N LEU A 412 -6.29 -21.63 5.55
CA LEU A 412 -7.45 -21.19 4.80
C LEU A 412 -7.99 -22.41 4.04
N GLN A 413 -9.20 -22.82 4.35
CA GLN A 413 -9.78 -24.02 3.68
C GLN A 413 -10.59 -23.56 2.49
N ARG A 414 -10.66 -24.46 1.51
CA ARG A 414 -11.46 -24.20 0.32
C ARG A 414 -12.90 -23.85 0.62
N GLU A 415 -13.48 -24.44 1.62
CA GLU A 415 -14.87 -24.11 1.96
C GLU A 415 -15.04 -22.62 2.37
N GLU A 416 -14.03 -22.07 3.05
CA GLU A 416 -14.06 -20.70 3.50
C GLU A 416 -13.92 -19.73 2.32
N VAL A 417 -13.00 -20.00 1.44
CA VAL A 417 -12.81 -19.25 0.20
C VAL A 417 -14.12 -19.23 -0.55
N GLU A 418 -14.78 -20.40 -0.72
CA GLU A 418 -16.08 -20.43 -1.42
C GLU A 418 -17.06 -19.69 -0.70
N ARG A 419 -17.13 -19.87 0.58
CA ARG A 419 -18.17 -19.17 1.31
C ARG A 419 -18.07 -17.64 1.19
N CYS A 420 -16.86 -17.11 1.39
CA CYS A 420 -16.60 -15.65 1.23
C CYS A 420 -16.94 -15.13 -0.15
N ILE A 421 -16.58 -15.86 -1.18
CA ILE A 421 -16.95 -15.43 -2.48
C ILE A 421 -18.45 -15.37 -2.65
N ARG A 422 -19.16 -16.43 -2.22
CA ARG A 422 -20.64 -16.36 -2.40
C ARG A 422 -21.24 -15.33 -1.49
N GLU A 423 -20.67 -15.15 -0.32
CA GLU A 423 -21.21 -14.15 0.57
C GLU A 423 -21.15 -12.77 -0.08
N VAL A 424 -20.08 -12.51 -0.78
CA VAL A 424 -19.93 -11.15 -1.37
C VAL A 424 -20.68 -11.00 -2.67
N MET A 425 -20.57 -11.98 -3.56
CA MET A 425 -21.17 -11.92 -4.84
C MET A 425 -22.72 -12.26 -4.82
N ASP A 426 -23.21 -13.10 -3.90
CA ASP A 426 -24.64 -13.65 -3.97
C ASP A 426 -25.52 -13.53 -2.74
N GLY A 427 -24.95 -13.32 -1.57
CA GLY A 427 -25.70 -13.38 -0.38
C GLY A 427 -26.72 -12.28 -0.23
N ASP A 428 -27.46 -12.38 0.87
CA ASP A 428 -28.36 -11.36 1.35
C ASP A 428 -27.72 -9.99 1.59
N ARG A 429 -26.45 -9.92 1.92
CA ARG A 429 -25.81 -8.66 2.14
C ARG A 429 -25.10 -8.11 0.85
N LYS A 430 -25.22 -8.81 -0.26
CA LYS A 430 -24.45 -8.46 -1.40
C LYS A 430 -24.50 -7.02 -1.82
N GLU A 431 -25.66 -6.40 -1.65
CA GLU A 431 -25.93 -5.09 -2.21
C GLU A 431 -25.38 -4.18 -1.21
N ASP A 432 -25.32 -4.59 0.05
CA ASP A 432 -24.63 -3.75 1.00
C ASP A 432 -23.13 -3.57 0.57
N TYR A 433 -22.43 -4.65 0.26
CA TYR A 433 -20.98 -4.58 -0.13
C TYR A 433 -20.79 -3.68 -1.36
N ARG A 434 -21.59 -3.83 -2.37
CA ARG A 434 -21.50 -2.99 -3.53
C ARG A 434 -21.80 -1.52 -3.26
N ARG A 435 -22.84 -1.28 -2.46
CA ARG A 435 -23.25 0.06 -2.22
C ARG A 435 -22.15 0.75 -1.43
N ASN A 436 -21.59 0.08 -0.42
CA ASN A 436 -20.55 0.67 0.41
C ASN A 436 -19.23 0.95 -0.38
N ALA A 437 -18.84 0.06 -1.24
CA ALA A 437 -17.69 0.26 -2.08
C ALA A 437 -17.91 1.44 -2.97
N THR A 438 -19.08 1.52 -3.56
CA THR A 438 -19.42 2.62 -4.46
C THR A 438 -19.41 3.96 -3.69
N ARG A 439 -19.89 3.95 -2.49
CA ARG A 439 -19.91 5.12 -1.64
C ARG A 439 -18.49 5.60 -1.37
N LEU A 440 -17.59 4.65 -1.12
CA LEU A 440 -16.23 5.02 -0.85
C LEU A 440 -15.50 5.45 -2.13
N MET A 441 -15.85 4.85 -3.27
CA MET A 441 -15.30 5.25 -4.57
C MET A 441 -15.62 6.70 -4.80
N LYS A 442 -16.89 7.11 -4.59
CA LYS A 442 -17.23 8.49 -4.87
C LYS A 442 -16.48 9.51 -4.02
N LYS A 443 -16.30 9.22 -2.78
CA LYS A 443 -15.56 10.15 -1.85
C LYS A 443 -14.05 10.11 -2.12
N ALA A 444 -13.54 8.93 -2.55
CA ALA A 444 -12.14 8.87 -3.00
C ALA A 444 -11.87 9.83 -4.18
N LYS A 445 -12.70 9.75 -5.20
CA LYS A 445 -12.56 10.50 -6.38
C LYS A 445 -12.72 11.99 -6.06
N GLU A 446 -13.70 12.29 -5.27
CA GLU A 446 -13.96 13.65 -4.96
C GLU A 446 -12.75 14.25 -4.16
N SER A 447 -12.17 13.46 -3.25
CA SER A 447 -11.07 13.96 -2.40
C SER A 447 -9.88 14.35 -3.27
N MET A 448 -9.67 13.64 -4.38
CA MET A 448 -8.53 13.90 -5.21
C MET A 448 -8.80 14.84 -6.40
N GLN A 449 -10.07 15.04 -6.72
CA GLN A 449 -10.41 15.96 -7.75
C GLN A 449 -10.21 17.39 -7.25
N GLU A 450 -10.05 18.28 -8.22
CA GLU A 450 -9.97 19.72 -7.95
C GLU A 450 -10.90 20.14 -6.88
N GLY A 451 -10.35 20.68 -5.81
CA GLY A 451 -11.22 21.14 -4.74
C GLY A 451 -11.51 20.13 -3.68
N GLY A 452 -11.14 18.84 -3.86
CA GLY A 452 -11.26 17.93 -2.72
C GLY A 452 -10.30 18.11 -1.54
N SER A 453 -10.58 17.41 -0.43
CA SER A 453 -9.75 17.46 0.77
C SER A 453 -8.28 17.08 0.53
N SER A 454 -8.01 16.05 -0.27
CA SER A 454 -6.68 15.65 -0.46
C SER A 454 -6.03 16.61 -1.48
N ASP A 455 -6.72 16.97 -2.56
CA ASP A 455 -6.24 17.94 -3.51
C ASP A 455 -5.83 19.28 -2.88
N LYS A 456 -6.59 19.79 -1.96
CA LYS A 456 -6.24 20.98 -1.23
C LYS A 456 -4.94 20.79 -0.44
N ASN A 457 -4.73 19.64 0.22
CA ASN A 457 -3.48 19.44 0.93
C ASN A 457 -2.33 19.37 -0.01
N ILE A 458 -2.57 18.82 -1.18
CA ILE A 458 -1.53 18.74 -2.17
C ILE A 458 -1.14 20.11 -2.69
N ALA A 459 -2.12 20.88 -3.10
CA ALA A 459 -1.93 22.24 -3.54
C ALA A 459 -1.29 23.11 -2.45
N GLU A 460 -1.71 23.04 -1.19
CA GLU A 460 -1.01 23.79 -0.14
C GLU A 460 0.46 23.40 -0.07
N PHE A 461 0.75 22.10 -0.18
CA PHE A 461 2.13 21.68 -0.10
C PHE A 461 2.93 22.20 -1.23
N ALA A 462 2.39 22.14 -2.39
CA ALA A 462 3.13 22.68 -3.49
C ALA A 462 3.34 24.27 -3.45
N ALA A 463 2.37 25.01 -3.00
CA ALA A 463 2.46 26.48 -2.89
C ALA A 463 3.49 26.78 -1.84
N LYS A 464 3.70 25.89 -0.92
CA LYS A 464 4.69 26.13 0.04
C LYS A 464 6.13 26.09 -0.47
N TYR A 465 6.40 25.41 -1.56
CA TYR A 465 7.76 25.21 -1.96
C TYR A 465 7.98 25.76 -3.32
N SER A 466 7.07 26.54 -3.84
CA SER A 466 7.21 26.81 -5.27
C SER A 466 7.81 28.22 -5.42
N1 UDP B . 0.24 -5.21 -9.12
C2 UDP B . -0.12 -5.30 -10.47
N3 UDP B . -0.30 -6.50 -11.07
C4 UDP B . -0.11 -7.69 -10.40
C5 UDP B . 0.26 -7.65 -9.03
C6 UDP B . 0.39 -6.37 -8.40
O2 UDP B . -0.32 -4.25 -11.10
O4 UDP B . -0.24 -8.77 -11.03
C1' UDP B . 0.39 -3.88 -8.49
C2' UDP B . -0.83 -3.43 -7.69
O2' UDP B . -1.75 -2.75 -8.53
C3' UDP B . -0.29 -2.50 -6.61
C4' UDP B . 1.17 -2.95 -6.45
O4' UDP B . 1.45 -3.90 -7.50
O3' UDP B . -0.30 -1.13 -7.06
C5' UDP B . 1.39 -3.53 -5.08
O5' UDP B . 1.18 -4.93 -5.15
PA UDP B . 0.90 -5.91 -3.88
O1A UDP B . 2.10 -6.27 -2.92
O2A UDP B . 0.04 -6.96 -4.58
O3A UDP B . -0.20 -4.96 -3.10
PB UDP B . 0.11 -3.82 -1.98
O1B UDP B . 0.68 -4.82 -0.94
O2B UDP B . -1.27 -3.26 -1.78
O3B UDP B . 1.18 -2.81 -2.47
C13 B2S C . 7.97 -4.13 6.45
O2 B2S C . 6.71 -4.07 5.71
C12 B2S C . 7.91 -4.24 4.92
C5 B2S C . 8.23 -3.05 4.00
C14 B2S C . 7.82 -1.75 4.71
C4 B2S C . 7.36 -3.39 2.74
C3 B2S C . 6.97 -4.91 2.88
O3 B2S C . 7.13 -5.68 1.65
C2 B2S C . 7.95 -5.44 3.95
O1 B2S C . 9.17 -5.52 3.04
C11 B2S C . 10.24 -4.67 3.53
C10 B2S C . 11.69 -4.72 3.01
C9 B2S C . 12.59 -4.06 3.82
C16 B2S C . 14.12 -4.28 3.76
C8 B2S C . 12.07 -3.10 4.86
O5 B2S C . 12.77 -2.43 5.69
C7 B2S C . 10.59 -2.80 4.96
O4 B2S C . 10.44 -1.38 5.14
C6 B2S C . 9.78 -3.22 3.70
C15 B2S C . 10.22 -2.40 2.48
O6 B2S C . 9.86 -1.04 2.86
#